data_1D2Z
#
_entry.id   1D2Z
#
_cell.length_a   58.123
_cell.length_b   87.495
_cell.length_c   117.662
_cell.angle_alpha   90.00
_cell.angle_beta   90.00
_cell.angle_gamma   90.00
#
_symmetry.space_group_name_H-M   'P 21 21 21'
#
loop_
_entity.id
_entity.type
_entity.pdbx_description
1 polymer 'DEATH DOMAIN OF PELLE'
2 polymer 'DEATH DOMAIN OF TUBE'
3 non-polymer '4-(2-HYDROXYETHYL)-1-PIPERAZINE ETHANESULFONIC ACID'
4 water water
#
loop_
_entity_poly.entity_id
_entity_poly.type
_entity_poly.pdbx_seq_one_letter_code
_entity_poly.pdbx_strand_id
1 'polypeptide(L)'
;GSHMSHLDNTMAIRLLPLPVRAQLCAHLDALDVWQQLATAVKLYPDQVEQISSQKQRGRSASNEFLNIWGGQYNHTVQTL
FALFKKLKLHNAMRLIKDYVSEDLHKYI
;
A,C
2 'polypeptide(L)'
;LSSKYSRNTELRRVEDNDIYRLAKILDENSCWRKLMSIIPKGMDVQACSGAGCLNFPAEIKKGFKYTAQDVFQIDEAANR
LPPDQSKSQMMIDEWKTSGKLNERPTVGVLLQLLVQAELFSAADFVALDFLNESTPARPVDGPGALISLELLE
;
B,D
#
loop_
_chem_comp.id
_chem_comp.type
_chem_comp.name
_chem_comp.formula
EPE non-polymer '4-(2-HYDROXYETHYL)-1-PIPERAZINE ETHANESULFONIC ACID' 'C8 H18 N2 O4 S'
#
# COMPACT_ATOMS: atom_id res chain seq x y z
N LEU A 7 36.57 18.19 -15.93
CA LEU A 7 36.23 18.95 -17.17
C LEU A 7 34.74 19.30 -17.21
N ASP A 8 33.88 18.28 -17.11
CA ASP A 8 32.43 18.51 -17.14
C ASP A 8 31.83 18.55 -15.74
N ASN A 9 31.75 19.76 -15.18
CA ASN A 9 31.18 19.95 -13.85
C ASN A 9 29.85 20.71 -13.93
N THR A 10 29.22 20.66 -15.10
CA THR A 10 27.94 21.35 -15.27
C THR A 10 26.79 20.52 -14.71
N MET A 11 25.68 21.18 -14.40
CA MET A 11 24.52 20.51 -13.85
C MET A 11 23.80 19.68 -14.91
N ALA A 12 22.94 18.78 -14.46
CA ALA A 12 22.16 17.95 -15.35
C ALA A 12 21.10 18.85 -15.99
N ILE A 13 20.81 18.59 -17.27
CA ILE A 13 19.81 19.34 -18.02
C ILE A 13 18.49 19.41 -17.25
N ARG A 14 18.13 18.30 -16.60
N ARG A 14 18.13 18.30 -16.60
CA ARG A 14 16.90 18.21 -15.83
CA ARG A 14 16.89 18.22 -15.83
C ARG A 14 16.84 19.20 -14.66
C ARG A 14 16.84 19.21 -14.66
N LEU A 15 18.00 19.71 -14.25
CA LEU A 15 18.09 20.66 -13.14
C LEU A 15 18.08 22.13 -13.57
N LEU A 16 18.11 22.38 -14.88
CA LEU A 16 18.10 23.75 -15.39
C LEU A 16 16.91 24.54 -14.83
N PRO A 17 17.19 25.72 -14.26
CA PRO A 17 16.13 26.56 -13.69
C PRO A 17 15.03 26.84 -14.72
N LEU A 18 13.77 26.86 -14.27
CA LEU A 18 12.66 27.10 -15.19
C LEU A 18 12.76 28.34 -16.07
N PRO A 19 13.22 29.49 -15.52
CA PRO A 19 13.34 30.72 -16.32
C PRO A 19 14.24 30.55 -17.56
N VAL A 20 15.46 30.07 -17.37
CA VAL A 20 16.38 29.87 -18.48
C VAL A 20 15.85 28.79 -19.43
N ARG A 21 15.26 27.74 -18.85
CA ARG A 21 14.70 26.66 -19.65
C ARG A 21 13.58 27.16 -20.55
N ALA A 22 12.73 28.04 -20.01
CA ALA A 22 11.63 28.62 -20.78
C ALA A 22 12.14 29.51 -21.91
N GLN A 23 13.21 30.25 -21.68
CA GLN A 23 13.80 31.10 -22.72
C GLN A 23 14.33 30.21 -23.83
N LEU A 24 15.12 29.21 -23.43
CA LEU A 24 15.72 28.28 -24.38
C LEU A 24 14.69 27.58 -25.25
N CYS A 25 13.69 26.98 -24.61
CA CYS A 25 12.65 26.27 -25.34
C CYS A 25 11.83 27.16 -26.25
N ALA A 26 11.49 28.36 -25.78
CA ALA A 26 10.73 29.30 -26.60
C ALA A 26 11.55 29.63 -27.86
N HIS A 27 12.85 29.81 -27.69
CA HIS A 27 13.75 30.12 -28.79
C HIS A 27 13.86 28.95 -29.79
N LEU A 28 14.10 27.76 -29.28
CA LEU A 28 14.23 26.57 -30.12
C LEU A 28 12.91 26.23 -30.84
N ASP A 29 11.79 26.52 -30.19
CA ASP A 29 10.49 26.26 -30.80
C ASP A 29 10.22 27.22 -31.94
N ALA A 30 10.62 28.48 -31.76
CA ALA A 30 10.45 29.50 -32.79
C ALA A 30 11.27 29.11 -34.01
N LEU A 31 12.46 28.58 -33.79
CA LEU A 31 13.34 28.14 -34.87
C LEU A 31 12.84 26.84 -35.48
N ASP A 32 12.04 26.11 -34.71
CA ASP A 32 11.48 24.82 -35.13
C ASP A 32 12.61 23.82 -35.50
N VAL A 33 13.51 23.60 -34.56
CA VAL A 33 14.63 22.68 -34.75
C VAL A 33 14.54 21.39 -33.94
N TRP A 34 13.38 21.08 -33.37
CA TRP A 34 13.26 19.86 -32.56
C TRP A 34 13.61 18.58 -33.34
N GLN A 35 13.16 18.50 -34.59
CA GLN A 35 13.44 17.33 -35.44
C GLN A 35 14.93 17.22 -35.72
N GLN A 36 15.58 18.37 -35.88
CA GLN A 36 17.01 18.41 -36.14
C GLN A 36 17.75 17.94 -34.87
N LEU A 37 17.26 18.37 -33.70
CA LEU A 37 17.87 17.97 -32.43
C LEU A 37 17.72 16.46 -32.24
N ALA A 38 16.50 15.96 -32.43
CA ALA A 38 16.20 14.54 -32.27
C ALA A 38 17.02 13.67 -33.23
N THR A 39 17.16 14.12 -34.46
CA THR A 39 17.92 13.36 -35.45
C THR A 39 19.40 13.35 -35.10
N ALA A 40 19.92 14.50 -34.66
CA ALA A 40 21.33 14.64 -34.31
C ALA A 40 21.79 13.71 -33.19
N VAL A 41 20.91 13.45 -32.22
CA VAL A 41 21.26 12.56 -31.10
C VAL A 41 20.71 11.16 -31.35
N LYS A 42 20.09 10.97 -32.50
CA LYS A 42 19.51 9.68 -32.90
C LYS A 42 18.44 9.12 -31.96
N LEU A 43 17.47 9.95 -31.60
CA LEU A 43 16.37 9.49 -30.75
C LEU A 43 15.61 8.43 -31.54
N TYR A 44 15.00 7.48 -30.84
CA TYR A 44 14.25 6.41 -31.48
C TYR A 44 12.87 6.87 -31.95
N PRO A 45 12.24 6.12 -32.87
CA PRO A 45 10.93 6.46 -33.40
C PRO A 45 9.86 6.81 -32.36
N ASP A 46 9.79 6.03 -31.29
CA ASP A 46 8.80 6.28 -30.26
C ASP A 46 9.06 7.62 -29.54
N GLN A 47 10.35 7.96 -29.38
CA GLN A 47 10.75 9.21 -28.73
C GLN A 47 10.41 10.40 -29.64
N VAL A 48 10.73 10.25 -30.93
CA VAL A 48 10.44 11.27 -31.94
C VAL A 48 8.94 11.52 -31.99
N GLU A 49 8.16 10.44 -32.00
CA GLU A 49 6.71 10.55 -32.05
C GLU A 49 6.14 11.20 -30.79
N GLN A 50 6.75 10.92 -29.64
CA GLN A 50 6.32 11.49 -28.38
C GLN A 50 6.48 13.01 -28.44
N ILE A 51 7.57 13.48 -29.06
CA ILE A 51 7.81 14.91 -29.19
C ILE A 51 6.79 15.52 -30.16
N SER A 52 6.68 14.91 -31.34
CA SER A 52 5.74 15.36 -32.37
C SER A 52 4.34 15.42 -31.77
N SER A 53 3.99 14.38 -31.02
CA SER A 53 2.69 14.27 -30.37
C SER A 53 2.43 15.41 -29.40
N GLN A 54 3.41 15.69 -28.53
CA GLN A 54 3.27 16.77 -27.57
C GLN A 54 3.09 18.11 -28.26
N LYS A 55 3.80 18.31 -29.37
CA LYS A 55 3.71 19.55 -30.12
C LYS A 55 2.30 19.75 -30.70
N GLN A 56 1.73 18.69 -31.26
CA GLN A 56 0.39 18.77 -31.82
C GLN A 56 -0.63 19.14 -30.75
N ARG A 57 -0.34 18.78 -29.50
CA ARG A 57 -1.21 19.10 -28.37
C ARG A 57 -0.92 20.49 -27.80
N GLY A 58 -0.24 21.32 -28.58
CA GLY A 58 0.07 22.69 -28.17
C GLY A 58 1.22 22.88 -27.18
N ARG A 59 1.95 21.82 -26.88
CA ARG A 59 3.08 21.93 -25.94
C ARG A 59 4.41 22.17 -26.65
N SER A 60 5.41 22.60 -25.88
CA SER A 60 6.73 22.88 -26.43
C SER A 60 7.44 21.62 -26.91
N ALA A 61 7.81 21.63 -28.18
CA ALA A 61 8.50 20.49 -28.79
C ALA A 61 9.91 20.35 -28.23
N SER A 62 10.60 21.47 -28.06
CA SER A 62 11.97 21.42 -27.56
C SER A 62 12.00 21.02 -26.09
N ASN A 63 11.01 21.44 -25.31
CA ASN A 63 10.97 21.08 -23.90
C ASN A 63 10.82 19.56 -23.78
N GLU A 64 10.01 18.98 -24.67
CA GLU A 64 9.80 17.53 -24.67
C GLU A 64 11.11 16.85 -25.05
N PHE A 65 11.84 17.43 -26.00
CA PHE A 65 13.13 16.87 -26.40
C PHE A 65 14.04 16.86 -25.17
N LEU A 66 14.07 17.97 -24.42
CA LEU A 66 14.91 18.03 -23.21
C LEU A 66 14.44 17.01 -22.18
N ASN A 67 13.13 16.82 -22.08
CA ASN A 67 12.56 15.86 -21.13
C ASN A 67 13.07 14.45 -21.44
N ILE A 68 13.09 14.11 -22.72
CA ILE A 68 13.56 12.78 -23.16
C ILE A 68 15.07 12.63 -23.10
N TRP A 69 15.78 13.47 -23.85
CA TRP A 69 17.24 13.40 -23.92
C TRP A 69 17.93 13.72 -22.59
N GLY A 70 17.45 14.75 -21.90
CA GLY A 70 18.04 15.11 -20.62
C GLY A 70 17.55 14.20 -19.50
N GLY A 71 16.26 13.91 -19.50
CA GLY A 71 15.69 13.06 -18.48
C GLY A 71 16.20 11.64 -18.42
N GLN A 72 15.94 10.87 -19.47
CA GLN A 72 16.39 9.48 -19.48
C GLN A 72 17.90 9.28 -19.53
N TYR A 73 18.60 10.05 -20.35
CA TYR A 73 20.05 9.88 -20.50
C TYR A 73 20.92 10.68 -19.54
N ASN A 74 20.28 11.45 -18.66
CA ASN A 74 20.99 12.23 -17.64
C ASN A 74 22.11 13.09 -18.22
N HIS A 75 21.86 13.76 -19.34
CA HIS A 75 22.86 14.61 -19.96
C HIS A 75 23.00 15.95 -19.25
N THR A 76 24.21 16.51 -19.32
CA THR A 76 24.55 17.78 -18.68
C THR A 76 24.37 18.98 -19.60
N VAL A 77 24.37 20.17 -19.00
CA VAL A 77 24.21 21.40 -19.76
C VAL A 77 25.39 21.55 -20.73
N GLN A 78 26.57 21.09 -20.33
CA GLN A 78 27.73 21.18 -21.22
C GLN A 78 27.50 20.35 -22.48
N THR A 79 26.94 19.15 -22.31
CA THR A 79 26.67 18.28 -23.45
C THR A 79 25.63 18.93 -24.36
N LEU A 80 24.67 19.63 -23.75
CA LEU A 80 23.63 20.34 -24.49
C LEU A 80 24.30 21.48 -25.29
N PHE A 81 25.25 22.15 -24.64
CA PHE A 81 26.01 23.24 -25.25
C PHE A 81 26.73 22.71 -26.50
N ALA A 82 27.36 21.54 -26.36
CA ALA A 82 28.08 20.90 -27.47
C ALA A 82 27.15 20.53 -28.63
N LEU A 83 25.94 20.09 -28.30
CA LEU A 83 24.96 19.74 -29.32
C LEU A 83 24.59 20.98 -30.12
N PHE A 84 24.32 22.07 -29.41
CA PHE A 84 23.98 23.33 -30.04
C PHE A 84 25.14 23.75 -30.95
N LYS A 85 26.36 23.59 -30.43
CA LYS A 85 27.57 23.95 -31.18
C LYS A 85 27.67 23.16 -32.48
N LYS A 86 27.37 21.87 -32.41
CA LYS A 86 27.42 21.00 -33.59
C LYS A 86 26.37 21.39 -34.63
N LEU A 87 25.21 21.83 -34.15
CA LEU A 87 24.13 22.24 -35.05
C LEU A 87 24.16 23.74 -35.33
N LYS A 88 25.25 24.39 -34.93
CA LYS A 88 25.46 25.83 -35.07
C LYS A 88 24.28 26.70 -34.61
N LEU A 89 23.74 26.37 -33.44
CA LEU A 89 22.65 27.12 -32.84
C LEU A 89 23.33 28.03 -31.81
N HIS A 90 24.03 29.04 -32.31
CA HIS A 90 24.78 29.98 -31.48
C HIS A 90 23.97 30.77 -30.46
N ASN A 91 22.79 31.23 -30.84
CA ASN A 91 21.96 31.97 -29.91
C ASN A 91 21.44 31.05 -28.79
N ALA A 92 21.35 29.75 -29.09
CA ALA A 92 20.91 28.78 -28.10
C ALA A 92 22.05 28.61 -27.09
N MET A 93 23.28 28.54 -27.61
CA MET A 93 24.47 28.43 -26.78
C MET A 93 24.58 29.64 -25.84
N ARG A 94 24.31 30.83 -26.38
CA ARG A 94 24.40 32.04 -25.56
C ARG A 94 23.42 32.03 -24.40
N LEU A 95 22.20 31.52 -24.65
CA LEU A 95 21.18 31.47 -23.62
C LEU A 95 21.57 30.62 -22.41
N ILE A 96 22.44 29.64 -22.62
CA ILE A 96 22.89 28.78 -21.53
C ILE A 96 24.35 28.98 -21.15
N LYS A 97 24.96 30.07 -21.63
CA LYS A 97 26.37 30.33 -21.35
C LYS A 97 26.69 30.44 -19.86
N ASP A 98 25.72 30.91 -19.08
CA ASP A 98 25.89 31.10 -17.65
C ASP A 98 25.92 29.81 -16.81
N TYR A 99 25.57 28.69 -17.44
CA TYR A 99 25.54 27.39 -16.76
C TYR A 99 26.63 26.47 -17.30
N VAL A 100 27.56 27.06 -18.03
CA VAL A 100 28.68 26.37 -18.63
C VAL A 100 29.93 27.17 -18.29
N SER A 101 31.09 26.53 -18.32
CA SER A 101 32.37 27.19 -18.02
C SER A 101 32.65 28.33 -18.99
N GLU A 102 33.17 29.42 -18.44
CA GLU A 102 33.51 30.62 -19.22
C GLU A 102 34.50 30.33 -20.34
N ASP A 103 35.35 29.33 -20.11
CA ASP A 103 36.36 28.93 -21.10
C ASP A 103 35.76 28.41 -22.39
N LEU A 104 34.46 28.14 -22.39
CA LEU A 104 33.76 27.65 -23.58
C LEU A 104 33.02 28.76 -24.34
N HIS A 105 33.01 29.96 -23.77
CA HIS A 105 32.34 31.10 -24.38
C HIS A 105 32.94 31.55 -25.70
N LYS A 106 34.13 31.04 -26.02
CA LYS A 106 34.83 31.37 -27.27
C LYS A 106 34.08 30.84 -28.49
N TYR A 107 33.42 29.70 -28.31
CA TYR A 107 32.69 29.04 -29.39
C TYR A 107 31.35 29.68 -29.72
N ILE A 108 30.88 30.57 -28.85
CA ILE A 108 29.59 31.24 -29.06
C ILE A 108 29.69 32.31 -30.15
N LEU B 1 33.57 -1.15 -0.61
CA LEU B 1 33.34 0.29 -0.30
C LEU B 1 32.39 0.46 0.89
N SER B 2 32.35 1.67 1.45
CA SER B 2 31.48 1.97 2.57
C SER B 2 30.07 2.34 2.06
N SER B 3 29.70 1.71 0.95
CA SER B 3 28.40 1.92 0.32
C SER B 3 27.24 1.31 1.12
N LYS B 4 26.05 1.83 0.89
CA LYS B 4 24.85 1.34 1.58
C LYS B 4 24.50 -0.09 1.16
N TYR B 5 24.73 -0.41 -0.12
CA TYR B 5 24.41 -1.74 -0.63
C TYR B 5 25.53 -2.31 -1.47
N SER B 6 25.43 -3.59 -1.77
CA SER B 6 26.41 -4.27 -2.60
C SER B 6 25.66 -4.84 -3.81
N ARG B 7 26.40 -5.26 -4.83
CA ARG B 7 25.81 -5.83 -6.02
C ARG B 7 24.94 -7.04 -5.72
N ASN B 8 25.28 -7.75 -4.64
CA ASN B 8 24.55 -8.95 -4.23
C ASN B 8 23.33 -8.69 -3.36
N THR B 9 23.14 -7.45 -2.95
CA THR B 9 21.99 -7.09 -2.13
C THR B 9 20.71 -7.22 -2.95
N GLU B 10 19.74 -7.98 -2.45
CA GLU B 10 18.48 -8.15 -3.16
C GLU B 10 17.67 -6.87 -3.09
N LEU B 11 16.95 -6.55 -4.16
CA LEU B 11 16.15 -5.34 -4.23
C LEU B 11 15.14 -5.23 -3.09
N ARG B 12 14.60 -6.37 -2.66
CA ARG B 12 13.63 -6.38 -1.56
C ARG B 12 14.27 -5.99 -0.22
N ARG B 13 15.61 -6.07 -0.15
CA ARG B 13 16.35 -5.73 1.06
C ARG B 13 16.73 -4.25 1.07
N VAL B 14 16.60 -3.59 -0.08
CA VAL B 14 16.90 -2.17 -0.18
C VAL B 14 15.81 -1.39 0.55
N GLU B 15 16.22 -0.33 1.24
CA GLU B 15 15.28 0.50 1.98
C GLU B 15 14.20 1.02 1.04
N ASP B 16 12.95 0.88 1.48
CA ASP B 16 11.79 1.30 0.68
C ASP B 16 11.90 2.71 0.11
N ASN B 17 12.41 3.64 0.90
CA ASN B 17 12.57 5.03 0.45
C ASN B 17 13.62 5.15 -0.65
N ASP B 18 14.63 4.28 -0.63
CA ASP B 18 15.67 4.31 -1.65
C ASP B 18 15.10 3.81 -2.97
N ILE B 19 14.30 2.74 -2.91
CA ILE B 19 13.67 2.19 -4.09
C ILE B 19 12.72 3.23 -4.65
N TYR B 20 12.07 3.99 -3.77
CA TYR B 20 11.14 5.01 -4.18
C TYR B 20 11.81 6.12 -4.99
N ARG B 21 13.01 6.52 -4.58
CA ARG B 21 13.74 7.57 -5.31
C ARG B 21 14.07 7.05 -6.71
N LEU B 22 14.45 5.76 -6.78
CA LEU B 22 14.75 5.13 -8.06
C LEU B 22 13.48 5.08 -8.91
N ALA B 23 12.36 4.73 -8.28
CA ALA B 23 11.07 4.63 -8.96
C ALA B 23 10.67 5.92 -9.66
N LYS B 24 10.81 7.05 -8.96
CA LYS B 24 10.45 8.34 -9.55
C LYS B 24 11.27 8.65 -10.80
N ILE B 25 12.51 8.17 -10.81
CA ILE B 25 13.39 8.37 -11.96
C ILE B 25 12.85 7.53 -13.12
N LEU B 26 12.51 6.28 -12.84
CA LEU B 26 11.99 5.37 -13.86
C LEU B 26 10.57 5.73 -14.32
N ASP B 27 9.85 6.52 -13.51
CA ASP B 27 8.50 6.94 -13.89
C ASP B 27 8.55 7.90 -15.06
N GLU B 28 9.63 8.69 -15.14
CA GLU B 28 9.78 9.66 -16.23
C GLU B 28 9.88 8.95 -17.57
N ASN B 29 9.11 9.43 -18.54
CA ASN B 29 9.07 8.88 -19.89
C ASN B 29 8.70 7.39 -19.87
N SER B 30 8.00 6.97 -18.82
CA SER B 30 7.56 5.59 -18.64
C SER B 30 8.69 4.59 -18.85
N CYS B 31 9.90 4.94 -18.40
CA CYS B 31 11.06 4.06 -18.58
C CYS B 31 10.97 2.71 -17.87
N TRP B 32 10.09 2.60 -16.88
CA TRP B 32 9.92 1.34 -16.16
C TRP B 32 9.50 0.24 -17.14
N ARG B 33 8.75 0.63 -18.17
CA ARG B 33 8.31 -0.32 -19.19
C ARG B 33 9.50 -0.91 -19.94
N LYS B 34 10.47 -0.06 -20.25
CA LYS B 34 11.67 -0.50 -20.98
C LYS B 34 12.47 -1.50 -20.16
N LEU B 35 12.63 -1.21 -18.87
CA LEU B 35 13.38 -2.11 -17.98
C LEU B 35 12.62 -3.44 -17.82
N MET B 36 11.34 -3.34 -17.50
CA MET B 36 10.51 -4.53 -17.29
C MET B 36 10.50 -5.48 -18.47
N SER B 37 10.48 -4.92 -19.67
CA SER B 37 10.44 -5.68 -20.90
C SER B 37 11.70 -6.48 -21.22
N ILE B 38 12.84 -6.03 -20.71
CA ILE B 38 14.10 -6.73 -21.01
C ILE B 38 14.65 -7.63 -19.90
N ILE B 39 13.92 -7.75 -18.79
CA ILE B 39 14.36 -8.60 -17.68
C ILE B 39 14.41 -10.05 -18.18
N PRO B 40 15.62 -10.62 -18.28
CA PRO B 40 15.81 -11.99 -18.75
C PRO B 40 15.16 -13.00 -17.80
N LYS B 41 14.69 -14.10 -18.38
CA LYS B 41 14.04 -15.15 -17.60
C LYS B 41 15.08 -16.15 -17.11
N GLY B 42 14.86 -16.67 -15.91
CA GLY B 42 15.75 -17.67 -15.34
C GLY B 42 17.22 -17.34 -15.17
N MET B 43 17.51 -16.15 -14.66
CA MET B 43 18.89 -15.75 -14.43
C MET B 43 19.40 -16.31 -13.10
N ASP B 44 20.69 -16.61 -13.07
CA ASP B 44 21.34 -17.07 -11.85
C ASP B 44 21.78 -15.72 -11.29
N VAL B 45 20.83 -15.03 -10.67
CA VAL B 45 21.01 -13.70 -10.10
C VAL B 45 22.32 -13.42 -9.39
N GLN B 46 22.70 -14.27 -8.45
CA GLN B 46 23.94 -14.08 -7.72
C GLN B 46 25.17 -14.12 -8.65
N ALA B 47 25.15 -15.05 -9.60
CA ALA B 47 26.24 -15.18 -10.55
C ALA B 47 26.28 -14.01 -11.54
N CYS B 48 25.11 -13.42 -11.79
CA CYS B 48 24.98 -12.30 -12.72
C CYS B 48 25.16 -10.92 -12.08
N SER B 49 25.22 -10.88 -10.75
CA SER B 49 25.34 -9.62 -10.01
C SER B 49 26.65 -8.84 -10.14
N GLY B 50 27.77 -9.56 -10.20
CA GLY B 50 29.07 -8.92 -10.32
C GLY B 50 29.18 -8.04 -11.56
N ALA B 51 30.13 -7.10 -11.55
CA ALA B 51 30.34 -6.22 -12.69
C ALA B 51 30.72 -7.01 -13.93
N GLY B 52 29.96 -6.82 -15.02
CA GLY B 52 30.23 -7.52 -16.26
C GLY B 52 29.89 -9.00 -16.20
N CYS B 53 29.12 -9.40 -15.18
CA CYS B 53 28.74 -10.79 -15.03
C CYS B 53 27.40 -11.13 -15.68
N LEU B 54 26.65 -10.10 -16.08
CA LEU B 54 25.37 -10.34 -16.72
C LEU B 54 25.51 -10.18 -18.23
N ASN B 55 25.73 -11.30 -18.92
CA ASN B 55 25.86 -11.29 -20.37
C ASN B 55 24.41 -11.29 -20.89
N PHE B 56 23.92 -10.12 -21.27
CA PHE B 56 22.55 -9.98 -21.75
C PHE B 56 22.18 -10.89 -22.92
N PRO B 57 23.00 -10.92 -23.98
CA PRO B 57 22.70 -11.79 -25.13
C PRO B 57 22.60 -13.25 -24.73
N ALA B 58 23.49 -13.70 -23.85
CA ALA B 58 23.48 -15.08 -23.39
C ALA B 58 22.25 -15.36 -22.53
N GLU B 59 21.94 -14.43 -21.63
CA GLU B 59 20.80 -14.57 -20.73
C GLU B 59 19.42 -14.60 -21.38
N ILE B 60 19.26 -13.85 -22.48
CA ILE B 60 17.96 -13.80 -23.16
C ILE B 60 17.58 -15.01 -24.00
N LYS B 61 18.51 -15.95 -24.16
CA LYS B 61 18.25 -17.17 -24.91
C LYS B 61 17.14 -17.95 -24.19
N LYS B 62 17.07 -17.74 -22.87
CA LYS B 62 16.06 -18.39 -22.04
C LYS B 62 14.75 -17.60 -22.04
N GLY B 63 14.70 -16.56 -22.88
CA GLY B 63 13.51 -15.74 -22.99
C GLY B 63 13.41 -14.63 -21.96
N PHE B 64 12.32 -13.87 -22.02
CA PHE B 64 12.09 -12.77 -21.09
C PHE B 64 11.12 -13.16 -19.99
N LYS B 65 11.33 -12.64 -18.78
CA LYS B 65 10.47 -12.94 -17.64
C LYS B 65 9.05 -12.46 -17.81
N TYR B 66 8.90 -11.20 -18.19
CA TYR B 66 7.59 -10.59 -18.38
C TYR B 66 7.26 -10.34 -19.85
N THR B 67 5.98 -10.22 -20.15
CA THR B 67 5.51 -9.94 -21.51
C THR B 67 4.84 -8.59 -21.52
N ALA B 68 4.40 -8.15 -22.70
CA ALA B 68 3.72 -6.87 -22.83
C ALA B 68 2.42 -6.88 -22.02
N GLN B 69 1.95 -8.08 -21.69
CA GLN B 69 0.73 -8.26 -20.92
C GLN B 69 0.94 -8.04 -19.43
N ASP B 70 2.09 -8.47 -18.93
CA ASP B 70 2.42 -8.30 -17.51
C ASP B 70 2.63 -6.82 -17.23
N VAL B 71 3.10 -6.10 -18.25
CA VAL B 71 3.33 -4.67 -18.17
C VAL B 71 2.00 -3.92 -18.02
N PHE B 72 0.97 -4.41 -18.70
CA PHE B 72 -0.36 -3.81 -18.67
C PHE B 72 -1.00 -3.82 -17.29
N GLN B 73 -0.86 -4.94 -16.57
CA GLN B 73 -1.44 -5.06 -15.24
C GLN B 73 -1.00 -3.93 -14.33
N ILE B 74 0.23 -3.48 -14.52
CA ILE B 74 0.78 -2.37 -13.75
C ILE B 74 0.06 -1.09 -14.19
N ASP B 75 -0.03 -0.88 -15.50
CA ASP B 75 -0.72 0.30 -16.04
C ASP B 75 -2.17 0.33 -15.57
N GLU B 76 -2.87 -0.80 -15.75
CA GLU B 76 -4.26 -0.94 -15.36
C GLU B 76 -4.52 -0.55 -13.91
N ALA B 77 -3.87 -1.27 -12.98
CA ALA B 77 -4.03 -1.02 -11.56
C ALA B 77 -3.73 0.42 -11.17
N ALA B 78 -2.64 0.97 -11.70
CA ALA B 78 -2.24 2.33 -11.40
C ALA B 78 -3.20 3.37 -11.96
N ASN B 79 -3.79 3.08 -13.12
CA ASN B 79 -4.72 4.00 -13.75
C ASN B 79 -5.98 4.21 -12.91
N ARG B 80 -6.31 3.22 -12.08
CA ARG B 80 -7.48 3.29 -11.19
C ARG B 80 -7.18 4.23 -10.02
N LEU B 81 -5.90 4.35 -9.69
CA LEU B 81 -5.44 5.20 -8.59
C LEU B 81 -5.15 6.62 -9.10
N PRO B 82 -4.94 7.59 -8.18
CA PRO B 82 -4.66 8.96 -8.59
C PRO B 82 -3.47 9.10 -9.55
N PRO B 83 -3.47 10.16 -10.38
CA PRO B 83 -2.42 10.45 -11.37
C PRO B 83 -0.98 10.47 -10.87
N ASP B 84 -0.79 10.70 -9.59
CA ASP B 84 0.55 10.74 -9.02
C ASP B 84 1.05 9.38 -8.53
N GLN B 85 0.32 8.31 -8.86
CA GLN B 85 0.71 6.96 -8.45
C GLN B 85 1.89 6.45 -9.28
N SER B 86 2.96 6.04 -8.59
CA SER B 86 4.15 5.55 -9.24
C SER B 86 4.05 4.13 -9.83
N LYS B 87 4.05 4.03 -11.14
CA LYS B 87 3.97 2.74 -11.81
C LYS B 87 5.26 1.93 -11.65
N SER B 88 6.40 2.65 -11.57
CA SER B 88 7.70 2.02 -11.39
C SER B 88 7.76 1.33 -10.04
N GLN B 89 7.17 1.97 -9.03
CA GLN B 89 7.13 1.43 -7.67
C GLN B 89 6.38 0.09 -7.70
N MET B 90 5.24 0.07 -8.38
CA MET B 90 4.44 -1.15 -8.48
C MET B 90 5.21 -2.22 -9.26
N MET B 91 5.94 -1.79 -10.29
CA MET B 91 6.73 -2.71 -11.10
C MET B 91 7.81 -3.39 -10.24
N ILE B 92 8.51 -2.58 -9.46
CA ILE B 92 9.57 -3.11 -8.60
C ILE B 92 9.00 -3.98 -7.47
N ASP B 93 7.87 -3.59 -6.89
CA ASP B 93 7.24 -4.38 -5.82
C ASP B 93 6.96 -5.80 -6.32
N GLU B 94 6.52 -5.90 -7.56
CA GLU B 94 6.23 -7.19 -8.17
C GLU B 94 7.52 -7.96 -8.48
N TRP B 95 8.50 -7.26 -9.06
CA TRP B 95 9.77 -7.87 -9.43
C TRP B 95 10.64 -8.32 -8.26
N LYS B 96 10.77 -7.46 -7.24
CA LYS B 96 11.61 -7.74 -6.06
C LYS B 96 11.26 -9.02 -5.30
N THR B 97 9.99 -9.41 -5.32
CA THR B 97 9.54 -10.62 -4.63
C THR B 97 9.42 -11.81 -5.56
N SER B 98 9.65 -11.58 -6.84
CA SER B 98 9.54 -12.63 -7.84
C SER B 98 10.66 -13.67 -7.74
N GLY B 99 10.43 -14.81 -8.40
CA GLY B 99 11.41 -15.88 -8.38
C GLY B 99 11.25 -16.82 -7.22
N LYS B 100 12.23 -17.71 -7.03
CA LYS B 100 12.19 -18.68 -5.94
C LYS B 100 13.41 -18.61 -5.01
N LEU B 101 14.47 -19.33 -5.38
CA LEU B 101 15.69 -19.34 -4.58
C LEU B 101 16.63 -18.20 -4.94
N ASN B 102 17.55 -18.45 -5.87
CA ASN B 102 18.49 -17.45 -6.32
C ASN B 102 17.93 -16.78 -7.57
N GLU B 103 16.66 -16.40 -7.49
CA GLU B 103 15.98 -15.74 -8.60
C GLU B 103 15.58 -14.31 -8.24
N ARG B 104 15.61 -13.99 -6.95
CA ARG B 104 15.27 -12.66 -6.47
C ARG B 104 16.29 -11.65 -7.02
N PRO B 105 15.82 -10.65 -7.77
CA PRO B 105 16.71 -9.64 -8.36
C PRO B 105 17.54 -8.86 -7.34
N THR B 106 18.74 -8.49 -7.76
CA THR B 106 19.68 -7.75 -6.93
C THR B 106 20.04 -6.40 -7.56
N VAL B 107 20.73 -5.57 -6.78
CA VAL B 107 21.18 -4.25 -7.21
C VAL B 107 22.14 -4.35 -8.41
N GLY B 108 22.97 -5.38 -8.42
CA GLY B 108 23.94 -5.59 -9.50
C GLY B 108 23.24 -5.96 -10.79
N VAL B 109 22.22 -6.81 -10.70
CA VAL B 109 21.46 -7.22 -11.87
C VAL B 109 20.65 -6.03 -12.38
N LEU B 110 20.10 -5.24 -11.46
CA LEU B 110 19.34 -4.05 -11.84
C LEU B 110 20.21 -3.06 -12.59
N LEU B 111 21.39 -2.77 -12.04
CA LEU B 111 22.32 -1.83 -12.66
C LEU B 111 22.68 -2.21 -14.09
N GLN B 112 23.05 -3.47 -14.30
CA GLN B 112 23.40 -3.94 -15.64
C GLN B 112 22.24 -3.92 -16.61
N LEU B 113 21.03 -4.21 -16.13
CA LEU B 113 19.84 -4.16 -16.99
C LEU B 113 19.52 -2.71 -17.33
N LEU B 114 19.72 -1.79 -16.38
CA LEU B 114 19.46 -0.37 -16.62
C LEU B 114 20.38 0.14 -17.73
N VAL B 115 21.63 -0.32 -17.69
CA VAL B 115 22.63 0.07 -18.69
C VAL B 115 22.26 -0.49 -20.07
N GLN B 116 21.82 -1.75 -20.11
CA GLN B 116 21.41 -2.40 -21.36
C GLN B 116 20.26 -1.64 -22.04
N ALA B 117 19.36 -1.08 -21.24
CA ALA B 117 18.22 -0.33 -21.79
C ALA B 117 18.52 1.18 -21.92
N GLU B 118 19.76 1.57 -21.66
CA GLU B 118 20.21 2.96 -21.74
C GLU B 118 19.47 3.91 -20.81
N LEU B 119 19.03 3.39 -19.67
CA LEU B 119 18.33 4.18 -18.65
C LEU B 119 19.43 4.72 -17.74
N PHE B 120 20.22 5.63 -18.30
CA PHE B 120 21.36 6.21 -17.60
C PHE B 120 21.10 7.04 -16.36
N SER B 121 19.96 7.73 -16.32
CA SER B 121 19.61 8.52 -15.14
C SER B 121 19.42 7.58 -13.95
N ALA B 122 18.74 6.47 -14.20
CA ALA B 122 18.50 5.47 -13.16
C ALA B 122 19.79 4.74 -12.84
N ALA B 123 20.53 4.36 -13.89
CA ALA B 123 21.79 3.66 -13.73
C ALA B 123 22.82 4.47 -12.93
N ASP B 124 22.95 5.76 -13.23
CA ASP B 124 23.88 6.65 -12.53
C ASP B 124 23.50 6.76 -11.05
N PHE B 125 22.19 6.81 -10.81
CA PHE B 125 21.67 6.90 -9.46
C PHE B 125 22.01 5.64 -8.67
N VAL B 126 21.79 4.48 -9.28
CA VAL B 126 22.09 3.22 -8.62
C VAL B 126 23.58 3.05 -8.36
N ALA B 127 24.41 3.47 -9.33
CA ALA B 127 25.85 3.35 -9.19
C ALA B 127 26.39 4.24 -8.06
N LEU B 128 26.00 5.51 -8.08
CA LEU B 128 26.47 6.47 -7.08
C LEU B 128 25.84 6.27 -5.69
N ASP B 129 24.53 6.48 -5.62
CA ASP B 129 23.79 6.37 -4.36
C ASP B 129 23.77 5.00 -3.68
N PHE B 130 23.52 3.94 -4.45
CA PHE B 130 23.46 2.59 -3.89
C PHE B 130 24.81 1.89 -3.70
N LEU B 131 25.67 1.97 -4.72
CA LEU B 131 26.96 1.29 -4.70
C LEU B 131 28.18 2.14 -4.42
N ASN B 132 28.02 3.47 -4.42
CA ASN B 132 29.12 4.40 -4.21
C ASN B 132 30.19 4.26 -5.31
N GLU B 133 29.80 3.65 -6.42
CA GLU B 133 30.71 3.46 -7.55
C GLU B 133 30.56 4.61 -8.52
N SER B 134 31.46 4.69 -9.50
CA SER B 134 31.40 5.74 -10.50
C SER B 134 30.35 5.38 -11.56
N THR B 135 29.76 6.38 -12.17
CA THR B 135 28.73 6.19 -13.20
C THR B 135 29.22 5.31 -14.35
N PRO B 136 28.36 4.41 -14.86
CA PRO B 136 28.72 3.53 -15.97
C PRO B 136 29.11 4.29 -17.23
N ALA B 137 29.94 3.66 -18.06
CA ALA B 137 30.40 4.25 -19.32
C ALA B 137 29.25 4.38 -20.32
N ARG B 138 29.33 5.40 -21.17
CA ARG B 138 28.32 5.66 -22.19
C ARG B 138 28.75 5.09 -23.54
N PRO B 139 27.78 4.80 -24.42
CA PRO B 139 28.11 4.27 -25.75
C PRO B 139 28.72 5.41 -26.56
N VAL B 140 29.32 5.09 -27.70
CA VAL B 140 29.93 6.12 -28.55
C VAL B 140 28.89 6.80 -29.44
N ASP B 141 27.86 6.04 -29.82
CA ASP B 141 26.81 6.55 -30.68
C ASP B 141 25.44 6.43 -30.00
N GLY B 142 24.47 7.15 -30.55
CA GLY B 142 23.13 7.10 -30.00
C GLY B 142 22.81 8.19 -29.00
N PRO B 143 21.56 8.23 -28.50
CA PRO B 143 21.05 9.19 -27.54
C PRO B 143 21.74 9.23 -26.18
N GLY B 144 22.42 8.14 -25.81
CA GLY B 144 23.11 8.11 -24.53
C GLY B 144 24.57 8.56 -24.58
N ALA B 145 25.08 8.78 -25.77
CA ALA B 145 26.47 9.20 -25.95
C ALA B 145 26.73 10.67 -25.68
N LEU B 146 27.94 10.96 -25.25
CA LEU B 146 28.38 12.32 -24.97
C LEU B 146 28.76 12.96 -26.30
N ILE B 147 28.84 14.29 -26.31
CA ILE B 147 29.18 15.03 -27.52
C ILE B 147 30.41 15.90 -27.21
N SER B 148 31.44 15.78 -28.04
CA SER B 148 32.67 16.55 -27.84
C SER B 148 32.59 17.92 -28.49
N LEU B 149 33.35 18.87 -27.94
CA LEU B 149 33.41 20.22 -28.46
C LEU B 149 34.70 20.39 -29.27
N GLU B 150 34.56 20.66 -30.57
CA GLU B 150 35.71 20.84 -31.45
C GLU B 150 36.43 22.16 -31.17
N GLY C 1 4.16 -20.55 8.75
CA GLY C 1 2.82 -20.01 9.10
C GLY C 1 2.76 -19.42 10.49
N SER C 2 3.37 -18.23 10.64
CA SER C 2 3.39 -17.55 11.93
C SER C 2 3.11 -16.06 11.79
N HIS C 3 3.03 -15.36 12.93
CA HIS C 3 2.79 -13.92 12.96
C HIS C 3 4.13 -13.23 12.68
N MET C 4 4.09 -12.04 12.08
CA MET C 4 5.34 -11.33 11.79
C MET C 4 6.04 -10.77 13.02
N SER C 5 5.42 -10.94 14.19
CA SER C 5 5.98 -10.48 15.46
C SER C 5 5.11 -10.91 16.63
N HIS C 6 5.74 -11.22 17.76
N HIS C 6 5.76 -11.21 17.75
CA HIS C 6 5.00 -11.61 18.95
CA HIS C 6 5.09 -11.63 18.98
C HIS C 6 4.54 -10.37 19.71
C HIS C 6 4.57 -10.38 19.71
N LEU C 7 5.09 -9.22 19.32
CA LEU C 7 4.73 -7.95 19.92
C LEU C 7 3.71 -7.24 19.03
N ASP C 8 2.98 -6.29 19.60
CA ASP C 8 2.00 -5.48 18.87
C ASP C 8 1.69 -4.23 19.70
N ASN C 9 2.28 -3.11 19.31
CA ASN C 9 2.09 -1.83 20.01
C ASN C 9 1.19 -0.91 19.18
N THR C 10 0.33 -1.51 18.36
CA THR C 10 -0.54 -0.70 17.52
C THR C 10 -1.96 -0.60 18.04
N MET C 11 -2.64 0.45 17.58
CA MET C 11 -4.02 0.71 17.96
C MET C 11 -4.99 -0.17 17.18
N ALA C 12 -6.20 -0.32 17.70
CA ALA C 12 -7.23 -1.11 17.02
C ALA C 12 -7.57 -0.39 15.73
N ILE C 13 -7.97 -1.15 14.70
CA ILE C 13 -8.34 -0.56 13.43
C ILE C 13 -9.46 0.47 13.63
N ARG C 14 -10.29 0.24 14.64
CA ARG C 14 -11.40 1.14 14.98
C ARG C 14 -10.88 2.56 15.21
N LEU C 15 -9.96 2.67 16.16
CA LEU C 15 -9.36 3.94 16.55
C LEU C 15 -8.49 4.61 15.50
N LEU C 16 -8.31 3.98 14.34
CA LEU C 16 -7.49 4.57 13.29
C LEU C 16 -8.10 5.90 12.87
N PRO C 17 -7.29 6.97 12.87
CA PRO C 17 -7.74 8.32 12.49
C PRO C 17 -8.44 8.31 11.14
N LEU C 18 -9.62 8.93 11.10
CA LEU C 18 -10.42 8.98 9.89
C LEU C 18 -9.73 9.50 8.62
N PRO C 19 -8.82 10.48 8.73
CA PRO C 19 -8.15 10.97 7.52
C PRO C 19 -7.33 9.89 6.81
N VAL C 20 -6.52 9.15 7.57
CA VAL C 20 -5.71 8.10 6.98
C VAL C 20 -6.58 6.90 6.56
N ARG C 21 -7.66 6.66 7.31
CA ARG C 21 -8.58 5.57 6.99
C ARG C 21 -9.26 5.80 5.64
N ALA C 22 -9.67 7.04 5.39
CA ALA C 22 -10.32 7.41 4.13
C ALA C 22 -9.34 7.25 2.98
N GLN C 23 -8.10 7.65 3.22
CA GLN C 23 -7.06 7.54 2.20
C GLN C 23 -6.83 6.08 1.85
N LEU C 24 -6.75 5.23 2.88
CA LEU C 24 -6.56 3.78 2.69
C LEU C 24 -7.74 3.15 1.95
N CYS C 25 -8.95 3.51 2.36
CA CYS C 25 -10.13 2.95 1.74
C CYS C 25 -10.29 3.37 0.28
N ALA C 26 -9.87 4.60 -0.03
CA ALA C 26 -9.93 5.09 -1.40
C ALA C 26 -9.04 4.23 -2.28
N HIS C 27 -7.89 3.83 -1.72
CA HIS C 27 -6.93 2.99 -2.41
C HIS C 27 -7.47 1.59 -2.67
N LEU C 28 -7.99 0.95 -1.62
CA LEU C 28 -8.53 -0.40 -1.70
C LEU C 28 -9.77 -0.51 -2.60
N ASP C 29 -10.57 0.55 -2.62
CA ASP C 29 -11.78 0.57 -3.45
C ASP C 29 -11.43 0.66 -4.92
N ALA C 30 -10.47 1.53 -5.24
CA ALA C 30 -10.02 1.73 -6.62
C ALA C 30 -9.47 0.44 -7.23
N LEU C 31 -8.74 -0.32 -6.40
CA LEU C 31 -8.18 -1.59 -6.85
C LEU C 31 -9.24 -2.68 -6.82
N ASP C 32 -10.30 -2.45 -6.05
CA ASP C 32 -11.40 -3.38 -5.89
C ASP C 32 -10.92 -4.74 -5.39
N VAL C 33 -10.35 -4.75 -4.18
CA VAL C 33 -9.85 -5.99 -3.60
C VAL C 33 -10.62 -6.44 -2.36
N TRP C 34 -11.81 -5.89 -2.14
CA TRP C 34 -12.61 -6.24 -0.96
C TRP C 34 -12.92 -7.74 -0.87
N GLN C 35 -13.25 -8.35 -2.01
CA GLN C 35 -13.56 -9.78 -2.03
C GLN C 35 -12.35 -10.59 -1.60
N GLN C 36 -11.18 -10.15 -2.05
CA GLN C 36 -9.93 -10.81 -1.70
C GLN C 36 -9.67 -10.67 -0.20
N LEU C 37 -9.97 -9.49 0.34
CA LEU C 37 -9.80 -9.26 1.77
C LEU C 37 -10.75 -10.16 2.55
N ALA C 38 -12.00 -10.20 2.13
CA ALA C 38 -13.04 -11.01 2.78
C ALA C 38 -12.71 -12.50 2.76
N THR C 39 -12.20 -12.98 1.64
CA THR C 39 -11.84 -14.39 1.52
C THR C 39 -10.64 -14.74 2.40
N ALA C 40 -9.62 -13.87 2.37
CA ALA C 40 -8.41 -14.09 3.17
C ALA C 40 -8.66 -14.28 4.66
N VAL C 41 -9.59 -13.51 5.22
CA VAL C 41 -9.90 -13.60 6.65
C VAL C 41 -11.07 -14.55 6.94
N LYS C 42 -11.58 -15.17 5.87
CA LYS C 42 -12.68 -16.12 5.95
C LYS C 42 -13.96 -15.56 6.57
N LEU C 43 -14.40 -14.41 6.06
CA LEU C 43 -15.63 -13.79 6.54
C LEU C 43 -16.82 -14.70 6.25
N TYR C 44 -17.82 -14.67 7.13
CA TYR C 44 -19.01 -15.49 6.97
C TYR C 44 -19.91 -14.93 5.85
N PRO C 45 -20.78 -15.79 5.28
CA PRO C 45 -21.70 -15.43 4.21
C PRO C 45 -22.46 -14.13 4.41
N ASP C 46 -22.98 -13.91 5.62
CA ASP C 46 -23.72 -12.70 5.93
C ASP C 46 -22.83 -11.45 5.86
N GLN C 47 -21.60 -11.58 6.33
CA GLN C 47 -20.65 -10.47 6.33
C GLN C 47 -20.23 -10.12 4.89
N VAL C 48 -20.02 -11.14 4.07
CA VAL C 48 -19.65 -10.93 2.67
C VAL C 48 -20.75 -10.15 1.95
N GLU C 49 -21.98 -10.61 2.10
CA GLU C 49 -23.14 -9.96 1.49
C GLU C 49 -23.27 -8.52 1.98
N GLN C 50 -23.05 -8.33 3.27
CA GLN C 50 -23.15 -7.02 3.90
C GLN C 50 -22.25 -6.02 3.17
N ILE C 51 -21.03 -6.46 2.84
CA ILE C 51 -20.07 -5.61 2.14
C ILE C 51 -20.54 -5.39 0.70
N SER C 52 -20.93 -6.49 0.05
CA SER C 52 -21.40 -6.45 -1.33
C SER C 52 -22.59 -5.51 -1.48
N SER C 53 -23.55 -5.63 -0.58
CA SER C 53 -24.74 -4.78 -0.62
C SER C 53 -24.41 -3.31 -0.38
N GLN C 54 -23.46 -3.03 0.51
CA GLN C 54 -23.06 -1.66 0.79
C GLN C 54 -22.36 -1.01 -0.41
N LYS C 55 -21.60 -1.81 -1.15
CA LYS C 55 -20.89 -1.33 -2.33
C LYS C 55 -21.91 -0.91 -3.39
N GLN C 56 -22.98 -1.69 -3.51
CA GLN C 56 -24.05 -1.43 -4.47
C GLN C 56 -24.82 -0.15 -4.12
N ARG C 57 -24.84 0.19 -2.82
CA ARG C 57 -25.53 1.39 -2.35
C ARG C 57 -24.67 2.63 -2.54
N GLY C 58 -23.53 2.46 -3.20
CA GLY C 58 -22.63 3.58 -3.45
C GLY C 58 -21.67 3.93 -2.33
N ARG C 59 -21.48 3.03 -1.38
CA ARG C 59 -20.56 3.27 -0.27
C ARG C 59 -19.26 2.48 -0.41
N SER C 60 -18.26 2.83 0.40
CA SER C 60 -16.96 2.16 0.37
C SER C 60 -17.00 0.72 0.84
N ALA C 61 -16.68 -0.20 -0.07
CA ALA C 61 -16.66 -1.62 0.25
C ALA C 61 -15.54 -1.93 1.24
N SER C 62 -14.36 -1.35 1.01
CA SER C 62 -13.22 -1.61 1.90
C SER C 62 -13.46 -1.02 3.29
N ASN C 63 -14.17 0.11 3.35
CA ASN C 63 -14.49 0.72 4.64
C ASN C 63 -15.46 -0.20 5.38
N GLU C 64 -16.36 -0.85 4.64
CA GLU C 64 -17.31 -1.76 5.26
C GLU C 64 -16.57 -3.00 5.74
N PHE C 65 -15.56 -3.43 4.98
CA PHE C 65 -14.75 -4.57 5.38
C PHE C 65 -14.08 -4.24 6.71
N LEU C 66 -13.52 -3.04 6.82
CA LEU C 66 -12.86 -2.59 8.04
C LEU C 66 -13.86 -2.49 9.21
N ASN C 67 -15.09 -2.12 8.92
CA ASN C 67 -16.13 -2.03 9.95
C ASN C 67 -16.38 -3.39 10.58
N ILE C 68 -16.42 -4.42 9.76
CA ILE C 68 -16.66 -5.78 10.24
C ILE C 68 -15.43 -6.39 10.91
N TRP C 69 -14.33 -6.44 10.16
CA TRP C 69 -13.10 -7.03 10.66
C TRP C 69 -12.48 -6.23 11.81
N GLY C 70 -12.55 -4.91 11.72
CA GLY C 70 -12.03 -4.07 12.78
C GLY C 70 -13.08 -3.79 13.85
N GLY C 71 -14.28 -3.44 13.41
CA GLY C 71 -15.35 -3.11 14.34
C GLY C 71 -15.80 -4.24 15.25
N GLN C 72 -16.15 -5.38 14.66
CA GLN C 72 -16.60 -6.51 15.43
C GLN C 72 -15.49 -7.34 16.05
N TYR C 73 -14.46 -7.63 15.27
CA TYR C 73 -13.36 -8.47 15.73
C TYR C 73 -12.22 -7.81 16.50
N ASN C 74 -12.25 -6.48 16.56
CA ASN C 74 -11.25 -5.71 17.29
C ASN C 74 -9.80 -5.97 16.86
N HIS C 75 -9.56 -6.04 15.56
CA HIS C 75 -8.20 -6.27 15.08
C HIS C 75 -7.40 -4.98 15.09
N THR C 76 -6.08 -5.11 15.22
CA THR C 76 -5.20 -3.95 15.25
C THR C 76 -4.69 -3.59 13.86
N VAL C 77 -4.04 -2.43 13.77
CA VAL C 77 -3.47 -1.94 12.53
C VAL C 77 -2.30 -2.84 12.08
N GLN C 78 -1.56 -3.39 13.04
CA GLN C 78 -0.46 -4.30 12.73
C GLN C 78 -1.03 -5.55 12.05
N THR C 79 -2.16 -6.03 12.55
CA THR C 79 -2.79 -7.20 11.97
C THR C 79 -3.25 -6.87 10.55
N LEU C 80 -3.76 -5.65 10.36
CA LEU C 80 -4.20 -5.20 9.04
C LEU C 80 -2.98 -5.16 8.10
N PHE C 81 -1.85 -4.71 8.64
CA PHE C 81 -0.59 -4.61 7.92
C PHE C 81 -0.15 -5.99 7.46
N ALA C 82 -0.33 -7.00 8.31
CA ALA C 82 0.03 -8.38 8.00
C ALA C 82 -0.88 -8.93 6.90
N LEU C 83 -2.16 -8.58 6.95
CA LEU C 83 -3.11 -9.01 5.94
C LEU C 83 -2.67 -8.44 4.59
N PHE C 84 -2.36 -7.15 4.57
CA PHE C 84 -1.91 -6.49 3.35
C PHE C 84 -0.66 -7.17 2.79
N LYS C 85 0.23 -7.60 3.68
CA LYS C 85 1.46 -8.28 3.29
C LYS C 85 1.14 -9.61 2.61
N LYS C 86 0.26 -10.38 3.24
CA LYS C 86 -0.17 -11.68 2.73
C LYS C 86 -0.77 -11.56 1.34
N LEU C 87 -1.45 -10.44 1.07
CA LEU C 87 -2.09 -10.21 -0.21
C LEU C 87 -1.25 -9.36 -1.17
N LYS C 88 0.00 -9.10 -0.76
CA LYS C 88 0.93 -8.31 -1.55
C LYS C 88 0.43 -6.91 -1.92
N LEU C 89 -0.31 -6.29 -0.99
CA LEU C 89 -0.83 -4.95 -1.22
C LEU C 89 0.17 -3.99 -0.59
N HIS C 90 1.32 -3.85 -1.26
CA HIS C 90 2.42 -3.02 -0.79
C HIS C 90 2.07 -1.55 -0.54
N ASN C 91 1.28 -0.96 -1.44
CA ASN C 91 0.91 0.44 -1.26
C ASN C 91 -0.03 0.64 -0.09
N ALA C 92 -0.86 -0.37 0.19
CA ALA C 92 -1.80 -0.31 1.31
C ALA C 92 -0.97 -0.31 2.60
N MET C 93 0.11 -1.09 2.60
CA MET C 93 1.03 -1.17 3.73
C MET C 93 1.67 0.19 3.99
N ARG C 94 2.05 0.86 2.91
CA ARG C 94 2.67 2.17 3.01
C ARG C 94 1.71 3.23 3.55
N LEU C 95 0.43 3.13 3.19
CA LEU C 95 -0.56 4.09 3.66
C LEU C 95 -0.78 4.06 5.17
N ILE C 96 -0.53 2.90 5.79
CA ILE C 96 -0.68 2.76 7.23
C ILE C 96 0.67 2.62 7.94
N LYS C 97 1.74 2.78 7.16
CA LYS C 97 3.14 2.67 7.60
C LYS C 97 3.44 3.33 8.95
N ASP C 98 3.01 4.57 9.13
CA ASP C 98 3.25 5.32 10.35
C ASP C 98 2.54 4.77 11.59
N TYR C 99 1.61 3.85 11.38
CA TYR C 99 0.85 3.28 12.49
C TYR C 99 1.33 1.92 12.98
N VAL C 100 2.43 1.45 12.40
CA VAL C 100 3.03 0.19 12.80
C VAL C 100 4.51 0.47 13.09
N SER C 101 5.15 -0.44 13.82
CA SER C 101 6.56 -0.28 14.17
C SER C 101 7.47 -0.26 12.94
N GLU C 102 8.50 0.60 12.99
CA GLU C 102 9.46 0.70 11.89
C GLU C 102 10.17 -0.62 11.64
N ASP C 103 10.18 -1.50 12.64
CA ASP C 103 10.81 -2.80 12.53
C ASP C 103 10.08 -3.67 11.52
N LEU C 104 8.82 -3.32 11.22
CA LEU C 104 8.02 -4.08 10.27
C LEU C 104 8.07 -3.50 8.86
N HIS C 105 8.64 -2.31 8.70
CA HIS C 105 8.71 -1.69 7.38
C HIS C 105 9.53 -2.50 6.39
N LYS C 106 10.39 -3.37 6.91
CA LYS C 106 11.22 -4.22 6.07
C LYS C 106 10.39 -5.20 5.24
N TYR C 107 9.13 -5.38 5.62
CA TYR C 107 8.24 -6.27 4.87
C TYR C 107 7.51 -5.54 3.75
N ILE C 108 7.69 -4.23 3.67
CA ILE C 108 7.06 -3.42 2.63
C ILE C 108 7.78 -3.62 1.29
N LEU D 1 -13.23 -5.81 44.67
CA LEU D 1 -12.00 -5.17 45.21
C LEU D 1 -11.01 -4.80 44.10
N SER D 2 -10.69 -5.79 43.26
CA SER D 2 -9.76 -5.59 42.16
C SER D 2 -10.47 -5.20 40.85
N SER D 3 -11.79 -5.33 40.85
CA SER D 3 -12.59 -5.00 39.68
C SER D 3 -13.85 -4.25 40.05
N LYS D 4 -14.39 -3.50 39.09
CA LYS D 4 -15.61 -2.74 39.30
C LYS D 4 -16.81 -3.65 39.56
N TYR D 5 -16.90 -4.74 38.81
CA TYR D 5 -17.99 -5.70 38.96
C TYR D 5 -17.45 -7.12 38.95
N SER D 6 -18.32 -8.07 39.29
CA SER D 6 -17.95 -9.49 39.28
C SER D 6 -18.82 -10.17 38.22
N ARG D 7 -18.48 -11.41 37.88
CA ARG D 7 -19.24 -12.15 36.89
C ARG D 7 -20.68 -12.39 37.35
N ASN D 8 -20.90 -12.34 38.66
CA ASN D 8 -22.23 -12.56 39.23
C ASN D 8 -23.08 -11.29 39.36
N THR D 9 -22.47 -10.16 39.03
CA THR D 9 -23.16 -8.87 39.09
C THR D 9 -24.22 -8.81 37.99
N GLU D 10 -25.43 -8.39 38.35
CA GLU D 10 -26.51 -8.27 37.39
C GLU D 10 -26.29 -7.04 36.52
N LEU D 11 -26.55 -7.18 35.21
CA LEU D 11 -26.38 -6.08 34.28
C LEU D 11 -27.17 -4.85 34.69
N ARG D 12 -28.33 -5.08 35.29
CA ARG D 12 -29.19 -3.99 35.75
C ARG D 12 -28.51 -3.16 36.84
N ARG D 13 -27.54 -3.75 37.52
CA ARG D 13 -26.81 -3.06 38.59
C ARG D 13 -25.53 -2.37 38.14
N VAL D 14 -25.17 -2.54 36.87
CA VAL D 14 -23.99 -1.89 36.33
C VAL D 14 -24.33 -0.41 36.18
N GLU D 15 -23.35 0.46 36.45
CA GLU D 15 -23.55 1.91 36.35
C GLU D 15 -24.00 2.32 34.95
N ASP D 16 -24.86 3.32 34.87
CA ASP D 16 -25.37 3.82 33.60
C ASP D 16 -24.28 4.15 32.60
N ASN D 17 -23.22 4.81 33.08
CA ASN D 17 -22.11 5.21 32.23
C ASN D 17 -21.41 4.01 31.59
N ASP D 18 -21.27 2.93 32.36
CA ASP D 18 -20.61 1.75 31.86
C ASP D 18 -21.46 1.00 30.83
N ILE D 19 -22.77 0.94 31.06
CA ILE D 19 -23.69 0.28 30.13
C ILE D 19 -23.74 1.04 28.81
N TYR D 20 -23.72 2.37 28.89
CA TYR D 20 -23.77 3.18 27.68
C TYR D 20 -22.51 3.02 26.84
N ARG D 21 -21.36 2.95 27.51
CA ARG D 21 -20.09 2.76 26.80
C ARG D 21 -20.11 1.41 26.07
N LEU D 22 -20.67 0.39 26.73
CA LEU D 22 -20.81 -0.93 26.14
C LEU D 22 -21.71 -0.84 24.92
N ALA D 23 -22.84 -0.17 25.09
CA ALA D 23 -23.82 0.01 24.03
C ALA D 23 -23.22 0.65 22.79
N LYS D 24 -22.33 1.63 22.99
CA LYS D 24 -21.68 2.30 21.88
C LYS D 24 -20.88 1.30 21.04
N ILE D 25 -20.19 0.40 21.72
CA ILE D 25 -19.39 -0.62 21.03
C ILE D 25 -20.28 -1.61 20.31
N LEU D 26 -21.37 -2.00 20.95
CA LEU D 26 -22.32 -2.95 20.35
C LEU D 26 -23.10 -2.34 19.19
N ASP D 27 -23.15 -1.02 19.13
CA ASP D 27 -23.86 -0.34 18.04
C ASP D 27 -23.08 -0.45 16.73
N GLU D 28 -21.77 -0.62 16.83
CA GLU D 28 -20.90 -0.75 15.66
C GLU D 28 -21.18 -2.07 14.95
N ASN D 29 -21.44 -1.99 13.65
CA ASN D 29 -21.74 -3.16 12.81
C ASN D 29 -23.05 -3.81 13.28
N SER D 30 -23.84 -3.06 14.04
CA SER D 30 -25.13 -3.53 14.57
C SER D 30 -24.99 -4.85 15.32
N CYS D 31 -23.88 -5.00 16.03
CA CYS D 31 -23.57 -6.21 16.79
C CYS D 31 -24.61 -6.61 17.84
N TRP D 32 -25.42 -5.67 18.29
CA TRP D 32 -26.46 -5.96 19.28
C TRP D 32 -27.44 -7.00 18.74
N ARG D 33 -27.64 -7.01 17.42
CA ARG D 33 -28.56 -7.96 16.79
C ARG D 33 -28.05 -9.39 16.99
N LYS D 34 -26.75 -9.56 16.87
CA LYS D 34 -26.13 -10.88 17.03
C LYS D 34 -26.17 -11.32 18.48
N LEU D 35 -25.89 -10.41 19.43
CA LEU D 35 -25.94 -10.78 20.83
C LEU D 35 -27.37 -11.17 21.22
N MET D 36 -28.33 -10.34 20.79
CA MET D 36 -29.75 -10.61 21.08
C MET D 36 -30.20 -11.97 20.55
N SER D 37 -29.76 -12.33 19.35
CA SER D 37 -30.15 -13.60 18.74
C SER D 37 -29.44 -14.84 19.30
N ILE D 38 -28.40 -14.61 20.10
CA ILE D 38 -27.62 -15.72 20.66
C ILE D 38 -27.93 -16.08 22.12
N ILE D 39 -28.72 -15.24 22.79
CA ILE D 39 -29.08 -15.48 24.19
C ILE D 39 -29.95 -16.75 24.34
N PRO D 40 -29.42 -17.76 25.05
CA PRO D 40 -30.16 -19.01 25.25
C PRO D 40 -31.40 -18.77 26.10
N LYS D 41 -32.42 -19.57 25.85
CA LYS D 41 -33.68 -19.46 26.58
C LYS D 41 -33.57 -20.19 27.92
N GLY D 42 -34.19 -19.62 28.94
CA GLY D 42 -34.22 -20.23 30.26
C GLY D 42 -32.93 -20.72 30.90
N MET D 43 -31.94 -19.85 30.99
CA MET D 43 -30.67 -20.21 31.62
C MET D 43 -30.78 -20.02 33.13
N ASP D 44 -29.94 -20.75 33.86
CA ASP D 44 -29.84 -20.60 35.31
C ASP D 44 -28.67 -19.62 35.32
N VAL D 45 -28.99 -18.34 35.18
CA VAL D 45 -28.00 -17.28 35.11
C VAL D 45 -26.83 -17.35 36.08
N GLN D 46 -27.11 -17.42 37.37
CA GLN D 46 -26.03 -17.49 38.36
C GLN D 46 -25.10 -18.68 38.16
N ALA D 47 -25.67 -19.84 37.86
CA ALA D 47 -24.88 -21.04 37.63
C ALA D 47 -24.08 -20.99 36.33
N CYS D 48 -24.47 -20.08 35.43
CA CYS D 48 -23.80 -19.90 34.14
C CYS D 48 -22.82 -18.73 34.15
N SER D 49 -22.87 -17.92 35.21
CA SER D 49 -22.01 -16.74 35.31
C SER D 49 -20.50 -16.97 35.40
N GLY D 50 -20.10 -18.04 36.07
CA GLY D 50 -18.68 -18.33 36.22
C GLY D 50 -17.95 -18.62 34.92
N ALA D 51 -16.62 -18.57 34.96
CA ALA D 51 -15.78 -18.82 33.79
C ALA D 51 -15.99 -20.24 33.26
N GLY D 52 -16.36 -20.32 31.98
CA GLY D 52 -16.59 -21.61 31.36
C GLY D 52 -17.90 -22.27 31.81
N CYS D 53 -18.59 -21.65 32.75
CA CYS D 53 -19.84 -22.19 33.28
C CYS D 53 -21.06 -22.15 32.33
N LEU D 54 -21.01 -21.32 31.30
CA LEU D 54 -22.12 -21.27 30.35
C LEU D 54 -21.80 -22.25 29.22
N ASN D 55 -22.37 -23.46 29.34
CA ASN D 55 -22.19 -24.49 28.34
C ASN D 55 -23.20 -24.15 27.24
N PHE D 56 -22.73 -23.38 26.25
CA PHE D 56 -23.60 -22.92 25.17
C PHE D 56 -24.42 -23.99 24.47
N PRO D 57 -23.78 -25.04 23.92
CA PRO D 57 -24.57 -26.08 23.25
C PRO D 57 -25.63 -26.70 24.14
N ALA D 58 -25.31 -26.86 25.43
CA ALA D 58 -26.26 -27.44 26.38
C ALA D 58 -27.42 -26.48 26.65
N GLU D 59 -27.10 -25.20 26.81
CA GLU D 59 -28.13 -24.21 27.09
C GLU D 59 -29.09 -24.02 25.92
N ILE D 60 -28.57 -23.96 24.70
CA ILE D 60 -29.44 -23.75 23.55
C ILE D 60 -30.35 -24.92 23.18
N LYS D 61 -30.23 -26.03 23.91
CA LYS D 61 -31.10 -27.18 23.71
C LYS D 61 -32.51 -26.71 24.08
N LYS D 62 -32.59 -25.67 24.91
CA LYS D 62 -33.86 -25.09 25.34
C LYS D 62 -34.35 -24.00 24.37
N GLY D 63 -33.58 -23.74 23.32
CA GLY D 63 -33.96 -22.74 22.37
C GLY D 63 -33.30 -21.41 22.68
N PHE D 64 -33.74 -20.35 22.00
CA PHE D 64 -33.18 -19.01 22.19
C PHE D 64 -34.28 -18.10 22.73
N LYS D 65 -33.91 -17.18 23.62
CA LYS D 65 -34.88 -16.28 24.24
C LYS D 65 -35.60 -15.36 23.26
N TYR D 66 -34.85 -14.81 22.31
CA TYR D 66 -35.42 -13.88 21.34
C TYR D 66 -35.49 -14.45 19.93
N THR D 67 -36.56 -14.08 19.21
CA THR D 67 -36.74 -14.53 17.84
C THR D 67 -36.49 -13.33 16.91
N ALA D 68 -36.61 -13.58 15.60
CA ALA D 68 -36.40 -12.55 14.58
C ALA D 68 -37.30 -11.33 14.76
N GLN D 69 -38.56 -11.56 15.10
CA GLN D 69 -39.51 -10.47 15.29
C GLN D 69 -39.08 -9.55 16.44
N ASP D 70 -38.49 -10.13 17.48
CA ASP D 70 -38.02 -9.33 18.62
C ASP D 70 -36.94 -8.35 18.19
N VAL D 71 -35.95 -8.87 17.45
CA VAL D 71 -34.85 -8.06 16.94
C VAL D 71 -35.39 -6.95 16.04
N PHE D 72 -36.33 -7.32 15.18
CA PHE D 72 -36.99 -6.39 14.26
C PHE D 72 -37.67 -5.26 15.03
N GLN D 73 -38.40 -5.61 16.09
CA GLN D 73 -39.10 -4.62 16.89
C GLN D 73 -38.17 -3.61 17.58
N ILE D 74 -36.95 -4.03 17.91
CA ILE D 74 -35.99 -3.09 18.52
C ILE D 74 -35.63 -2.06 17.45
N ASP D 75 -35.32 -2.53 16.24
CA ASP D 75 -34.99 -1.65 15.13
C ASP D 75 -36.10 -0.66 14.85
N GLU D 76 -37.33 -1.17 14.79
N GLU D 76 -37.33 -1.18 14.81
CA GLU D 76 -38.51 -0.35 14.54
CA GLU D 76 -38.54 -0.40 14.54
C GLU D 76 -38.78 0.69 15.63
C GLU D 76 -38.81 0.66 15.63
N ALA D 77 -38.79 0.24 16.88
CA ALA D 77 -39.03 1.15 18.01
C ALA D 77 -37.98 2.24 18.08
N ALA D 78 -36.71 1.88 17.93
CA ALA D 78 -35.63 2.85 17.96
C ALA D 78 -35.71 3.82 16.78
N ASN D 79 -36.13 3.32 15.62
CA ASN D 79 -36.25 4.15 14.42
C ASN D 79 -37.30 5.25 14.57
N ARG D 80 -38.27 5.04 15.45
CA ARG D 80 -39.31 6.03 15.72
C ARG D 80 -38.82 7.15 16.64
N LEU D 81 -37.76 6.85 17.40
CA LEU D 81 -37.19 7.81 18.35
C LEU D 81 -36.05 8.61 17.74
N PRO D 82 -35.65 9.72 18.39
CA PRO D 82 -34.56 10.55 17.87
C PRO D 82 -33.24 9.75 17.84
N PRO D 83 -32.23 10.22 17.08
CA PRO D 83 -30.95 9.52 16.98
C PRO D 83 -30.19 9.34 18.30
N ASP D 84 -30.64 9.98 19.37
CA ASP D 84 -29.99 9.86 20.68
C ASP D 84 -30.21 8.45 21.21
N GLN D 85 -31.30 7.80 20.78
CA GLN D 85 -31.62 6.45 21.20
C GLN D 85 -30.68 5.44 20.57
N SER D 86 -29.95 4.70 21.39
CA SER D 86 -29.04 3.68 20.92
C SER D 86 -29.83 2.37 20.85
N LYS D 87 -29.70 1.63 19.76
CA LYS D 87 -30.41 0.36 19.62
C LYS D 87 -29.84 -0.67 20.60
N SER D 88 -28.52 -0.66 20.79
CA SER D 88 -27.89 -1.59 21.73
C SER D 88 -28.40 -1.31 23.14
N GLN D 89 -28.56 -0.02 23.46
CA GLN D 89 -29.04 0.40 24.78
C GLN D 89 -30.46 -0.09 25.00
N MET D 90 -31.31 0.04 23.97
CA MET D 90 -32.69 -0.43 24.07
C MET D 90 -32.70 -1.95 24.27
N MET D 91 -31.85 -2.64 23.52
CA MET D 91 -31.74 -4.11 23.62
C MET D 91 -31.30 -4.53 25.03
N ILE D 92 -30.27 -3.88 25.56
CA ILE D 92 -29.77 -4.18 26.90
C ILE D 92 -30.82 -3.86 27.97
N ASP D 93 -31.49 -2.71 27.84
CA ASP D 93 -32.52 -2.32 28.79
C ASP D 93 -33.63 -3.35 28.83
N GLU D 94 -33.93 -3.92 27.67
CA GLU D 94 -34.96 -4.95 27.57
C GLU D 94 -34.49 -6.22 28.26
N TRP D 95 -33.28 -6.65 27.91
CA TRP D 95 -32.71 -7.88 28.45
C TRP D 95 -32.36 -7.86 29.96
N LYS D 96 -31.75 -6.77 30.41
CA LYS D 96 -31.31 -6.64 31.80
C LYS D 96 -32.34 -6.85 32.92
N THR D 97 -33.62 -6.62 32.61
CA THR D 97 -34.70 -6.78 33.59
C THR D 97 -35.58 -7.99 33.32
N SER D 98 -35.17 -8.85 32.39
CA SER D 98 -35.94 -10.03 32.02
C SER D 98 -35.68 -11.25 32.92
N GLY D 99 -36.48 -12.28 32.71
CA GLY D 99 -36.37 -13.52 33.48
C GLY D 99 -36.91 -13.40 34.89
N LYS D 100 -36.83 -14.49 35.64
CA LYS D 100 -37.32 -14.51 37.02
C LYS D 100 -36.44 -13.68 37.95
N LEU D 101 -36.89 -13.54 39.19
CA LEU D 101 -36.17 -12.75 40.21
C LEU D 101 -34.68 -13.07 40.27
N ASN D 102 -34.35 -14.36 40.17
CA ASN D 102 -32.96 -14.80 40.24
C ASN D 102 -32.32 -15.02 38.86
N GLU D 103 -33.13 -14.96 37.81
CA GLU D 103 -32.66 -15.18 36.44
C GLU D 103 -32.32 -13.91 35.64
N ARG D 104 -31.87 -12.86 36.32
CA ARG D 104 -31.52 -11.61 35.64
C ARG D 104 -30.10 -11.76 35.07
N PRO D 105 -29.90 -11.35 33.80
CA PRO D 105 -28.60 -11.43 33.13
C PRO D 105 -27.48 -10.78 33.93
N THR D 106 -26.30 -11.40 33.89
CA THR D 106 -25.13 -10.92 34.62
C THR D 106 -23.97 -10.61 33.67
N VAL D 107 -22.95 -9.95 34.21
CA VAL D 107 -21.75 -9.59 33.46
C VAL D 107 -21.06 -10.84 32.92
N GLY D 108 -21.07 -11.90 33.73
CA GLY D 108 -20.45 -13.17 33.34
C GLY D 108 -21.13 -13.85 32.17
N VAL D 109 -22.47 -13.85 32.18
CA VAL D 109 -23.25 -14.44 31.10
C VAL D 109 -23.05 -13.58 29.85
N LEU D 110 -23.09 -12.26 30.03
CA LEU D 110 -22.88 -11.33 28.93
C LEU D 110 -21.52 -11.59 28.28
N LEU D 111 -20.49 -11.70 29.09
CA LEU D 111 -19.13 -11.94 28.59
C LEU D 111 -19.04 -13.20 27.74
N GLN D 112 -19.53 -14.30 28.28
CA GLN D 112 -19.48 -15.58 27.57
C GLN D 112 -20.25 -15.57 26.25
N LEU D 113 -21.41 -14.90 26.23
CA LEU D 113 -22.22 -14.82 25.01
C LEU D 113 -21.56 -13.93 23.96
N LEU D 114 -20.89 -12.87 24.40
CA LEU D 114 -20.18 -11.97 23.50
C LEU D 114 -19.07 -12.74 22.78
N VAL D 115 -18.36 -13.56 23.54
CA VAL D 115 -17.28 -14.39 22.99
C VAL D 115 -17.87 -15.42 22.02
N GLN D 116 -18.96 -16.07 22.43
CA GLN D 116 -19.62 -17.08 21.59
C GLN D 116 -20.07 -16.48 20.25
N ALA D 117 -20.50 -15.23 20.26
CA ALA D 117 -20.94 -14.56 19.03
C ALA D 117 -19.80 -13.89 18.27
N GLU D 118 -18.57 -14.05 18.77
CA GLU D 118 -17.38 -13.46 18.18
C GLU D 118 -17.41 -11.93 18.13
N LEU D 119 -18.09 -11.33 19.10
CA LEU D 119 -18.19 -9.88 19.20
C LEU D 119 -17.04 -9.49 20.11
N PHE D 120 -15.82 -9.59 19.59
CA PHE D 120 -14.62 -9.31 20.37
C PHE D 120 -14.38 -7.89 20.86
N SER D 121 -14.80 -6.89 20.09
CA SER D 121 -14.62 -5.51 20.53
C SER D 121 -15.39 -5.30 21.85
N ALA D 122 -16.60 -5.86 21.91
CA ALA D 122 -17.44 -5.77 23.09
C ALA D 122 -16.89 -6.63 24.23
N ALA D 123 -16.49 -7.86 23.88
CA ALA D 123 -15.96 -8.80 24.86
C ALA D 123 -14.67 -8.31 25.54
N ASP D 124 -13.76 -7.75 24.76
CA ASP D 124 -12.49 -7.23 25.31
C ASP D 124 -12.80 -6.12 26.30
N PHE D 125 -13.71 -5.22 25.91
CA PHE D 125 -14.11 -4.11 26.76
C PHE D 125 -14.67 -4.62 28.09
N VAL D 126 -15.63 -5.53 28.03
CA VAL D 126 -16.24 -6.07 29.24
C VAL D 126 -15.19 -6.72 30.16
N ALA D 127 -14.35 -7.56 29.58
CA ALA D 127 -13.30 -8.24 30.34
C ALA D 127 -12.32 -7.27 30.99
N LEU D 128 -11.75 -6.37 30.20
CA LEU D 128 -10.78 -5.38 30.70
C LEU D 128 -11.36 -4.33 31.64
N ASP D 129 -12.45 -3.71 31.20
CA ASP D 129 -13.09 -2.64 31.96
C ASP D 129 -13.98 -3.10 33.12
N PHE D 130 -14.90 -4.03 32.87
CA PHE D 130 -15.82 -4.49 33.90
C PHE D 130 -15.23 -5.46 34.92
N LEU D 131 -14.56 -6.49 34.42
CA LEU D 131 -13.99 -7.54 35.26
C LEU D 131 -12.52 -7.43 35.58
N ASN D 132 -11.82 -6.55 34.88
CA ASN D 132 -10.38 -6.36 35.08
C ASN D 132 -9.61 -7.64 34.78
N GLU D 133 -10.19 -8.48 33.91
CA GLU D 133 -9.58 -9.74 33.48
C GLU D 133 -8.88 -9.50 32.14
N SER D 134 -8.07 -10.47 31.72
CA SER D 134 -7.37 -10.36 30.44
C SER D 134 -8.37 -10.63 29.33
N THR D 135 -8.12 -10.06 28.15
CA THR D 135 -9.02 -10.24 27.02
C THR D 135 -9.20 -11.72 26.64
N PRO D 136 -10.41 -12.08 26.17
CA PRO D 136 -10.76 -13.45 25.77
C PRO D 136 -9.84 -13.98 24.68
N ALA D 137 -9.58 -15.29 24.72
CA ALA D 137 -8.73 -15.92 23.72
C ALA D 137 -9.47 -15.95 22.37
N ARG D 138 -8.73 -15.70 21.30
CA ARG D 138 -9.29 -15.69 19.96
C ARG D 138 -9.28 -17.10 19.37
N PRO D 139 -10.22 -17.40 18.47
CA PRO D 139 -10.30 -18.72 17.84
C PRO D 139 -9.04 -18.97 17.01
N VAL D 140 -8.75 -20.25 16.77
CA VAL D 140 -7.57 -20.63 16.00
C VAL D 140 -7.64 -20.23 14.53
N ASP D 141 -8.86 -20.18 14.00
CA ASP D 141 -9.10 -19.80 12.62
C ASP D 141 -10.32 -18.90 12.52
N GLY D 142 -10.63 -18.45 11.31
CA GLY D 142 -11.78 -17.57 11.14
C GLY D 142 -11.39 -16.11 11.20
N PRO D 143 -12.36 -15.19 11.00
CA PRO D 143 -12.12 -13.74 11.03
C PRO D 143 -11.60 -13.22 12.37
N GLY D 144 -11.87 -13.95 13.44
CA GLY D 144 -11.41 -13.54 14.77
C GLY D 144 -9.95 -13.83 15.06
N ALA D 145 -9.39 -14.82 14.36
CA ALA D 145 -8.00 -15.22 14.55
C ALA D 145 -6.99 -14.22 14.01
N LEU D 146 -5.78 -14.29 14.56
CA LEU D 146 -4.68 -13.44 14.14
C LEU D 146 -4.19 -13.94 12.78
N ILE D 147 -3.40 -13.13 12.09
CA ILE D 147 -2.91 -13.52 10.78
C ILE D 147 -1.56 -14.22 10.80
N SER D 148 -1.51 -15.37 10.12
CA SER D 148 -0.30 -16.17 10.01
C SER D 148 0.24 -16.04 8.58
N LEU D 149 1.55 -15.85 8.47
CA LEU D 149 2.22 -15.69 7.18
C LEU D 149 3.32 -16.72 6.96
N GLU D 150 3.74 -16.85 5.70
CA GLU D 150 4.80 -17.79 5.33
C GLU D 150 6.09 -17.00 5.07
N LEU D 151 6.59 -16.34 6.10
CA LEU D 151 7.81 -15.52 6.01
C LEU D 151 9.08 -16.36 6.01
N LEU D 152 10.18 -15.74 5.55
CA LEU D 152 11.48 -16.41 5.47
C LEU D 152 12.58 -15.43 5.03
N GLU D 153 13.77 -15.60 5.60
CA GLU D 153 14.92 -14.76 5.27
C GLU D 153 16.11 -15.63 4.86
N1 EPE E . -1.22 -4.45 -7.36
C2 EPE E . -0.64 -4.32 -8.72
C3 EPE E . -0.95 -5.54 -9.58
N4 EPE E . -0.60 -6.85 -8.97
C5 EPE E . -1.25 -6.96 -7.62
C6 EPE E . -0.86 -5.77 -6.74
C7 EPE E . -0.94 -8.01 -9.85
C8 EPE E . -0.25 -7.85 -11.21
O8 EPE E . 0.99 -7.19 -11.25
C9 EPE E . -0.81 -3.31 -6.50
C10 EPE E . -1.47 -3.44 -5.13
S EPE E . -0.99 -2.07 -4.06
O1S EPE E . -1.68 -2.30 -2.79
O2S EPE E . -1.08 -0.81 -4.73
O3S EPE E . 0.59 -2.41 -3.70
#